data_6AN9
#
_entry.id   6AN9
#
_cell.length_a   111.121
_cell.length_b   111.121
_cell.length_c   178.562
_cell.angle_alpha   90.00
_cell.angle_beta   90.00
_cell.angle_gamma   90.00
#
_symmetry.space_group_name_H-M   'I 41 2 2'
#
loop_
_entity.id
_entity.type
_entity.pdbx_description
1 polymer 'Polyphosphate:AMP phosphotransferase'
2 non-polymer "ADENOSINE-5'-DIPHOSPHATE"
3 non-polymer GLYCEROL
4 water water
#
_entity_poly.entity_id   1
_entity_poly.type   'polypeptide(L)'
_entity_poly.pdbx_seq_one_letter_code
;MATDFSKLSKYVETLRVKPKQSIDLKKDFDTDYDHKMLTKEEGEELLNLGISKLSEIQEKLYASGTKSVLIVFQAMDAAG
KDGTVKHIMTGLNPQGVKVTSFKVPSKIELSHDYLWRHYVALPATGEIGIFNRSHYENVLVTRVHPEYLLSEQTSGVTAI
EQVNQKFWDKRFQQINNFEQHISENGTIVLKFFLHVSKKEQKKRFIERIELDTKNWKFSTGDLKERAHWKDYRNAYEDML
ANTSTKQAPWFVIPADDKWFTRLLIAEIICTELEKLNLTFPTVSLEQKAELEKAKAELVAEKSSD
;
_entity_poly.pdbx_strand_id   A
#
loop_
_chem_comp.id
_chem_comp.type
_chem_comp.name
_chem_comp.formula
ADP non-polymer ADENOSINE-5'-DIPHOSPHATE 'C10 H15 N5 O10 P2'
GOL non-polymer GLYCEROL 'C3 H8 O3'
#
# COMPACT_ATOMS: atom_id res chain seq x y z
N ASP A 4 -16.38 14.69 -12.64
CA ASP A 4 -15.13 15.01 -11.92
C ASP A 4 -15.15 14.63 -10.39
N PHE A 5 -14.36 15.34 -9.55
CA PHE A 5 -13.97 14.91 -8.20
C PHE A 5 -14.69 15.63 -7.06
N SER A 6 -15.80 16.33 -7.33
CA SER A 6 -16.37 17.22 -6.33
C SER A 6 -16.61 16.48 -5.02
N LYS A 7 -17.51 15.50 -5.04
CA LYS A 7 -17.85 14.86 -3.78
C LYS A 7 -16.80 13.81 -3.39
N LEU A 8 -16.13 13.21 -4.37
CA LEU A 8 -15.11 12.21 -4.06
C LEU A 8 -14.09 12.78 -3.11
N SER A 9 -13.67 14.03 -3.33
CA SER A 9 -12.62 14.62 -2.53
C SER A 9 -12.98 14.62 -1.05
N LYS A 10 -14.26 14.87 -0.74
CA LYS A 10 -14.67 14.91 0.67
C LYS A 10 -14.79 13.50 1.23
N TYR A 11 -15.30 12.57 0.45
CA TYR A 11 -15.45 11.18 0.94
C TYR A 11 -14.08 10.57 1.23
N VAL A 12 -13.12 10.75 0.33
CA VAL A 12 -11.77 10.23 0.53
C VAL A 12 -11.20 10.66 1.88
N GLU A 13 -11.37 11.93 2.26
CA GLU A 13 -10.84 12.39 3.53
C GLU A 13 -11.39 11.60 4.70
N THR A 14 -12.60 11.03 4.59
CA THR A 14 -13.16 10.23 5.68
C THR A 14 -12.48 8.86 5.80
N LEU A 15 -11.67 8.47 4.82
CA LEU A 15 -11.10 7.14 4.85
C LEU A 15 -9.79 7.12 5.59
N ARG A 16 -9.22 8.29 5.83
CA ARG A 16 -7.98 8.39 6.57
C ARG A 16 -8.24 8.10 8.03
N VAL A 17 -7.42 7.25 8.61
CA VAL A 17 -7.51 6.96 10.02
C VAL A 17 -6.75 8.03 10.77
N LYS A 18 -7.47 8.74 11.65
CA LYS A 18 -6.82 9.81 12.35
C LYS A 18 -6.09 9.23 13.55
N PRO A 19 -5.04 9.89 14.00
CA PRO A 19 -4.18 9.26 15.04
C PRO A 19 -4.91 8.92 16.33
N LYS A 20 -5.82 9.75 16.77
CA LYS A 20 -6.44 9.56 18.07
C LYS A 20 -7.70 8.70 18.00
N GLN A 21 -8.02 8.18 16.82
CA GLN A 21 -9.31 7.57 16.54
C GLN A 21 -9.37 6.15 17.07
N SER A 22 -10.54 5.74 17.54
CA SER A 22 -10.77 4.33 17.85
C SER A 22 -11.51 3.69 16.69
N ILE A 23 -11.37 2.38 16.55
CA ILE A 23 -11.71 1.74 15.30
C ILE A 23 -12.64 0.55 15.52
N ASP A 24 -13.79 0.56 14.84
CA ASP A 24 -14.70 -0.57 14.80
C ASP A 24 -14.96 -0.86 13.32
N LEU A 25 -14.31 -1.88 12.76
CA LEU A 25 -14.43 -2.08 11.33
C LEU A 25 -15.82 -2.54 10.92
N LYS A 26 -16.48 -3.29 11.80
CA LYS A 26 -17.81 -3.80 11.48
C LYS A 26 -18.81 -2.65 11.33
N LYS A 27 -18.78 -1.72 12.26
CA LYS A 27 -19.80 -0.69 12.28
C LYS A 27 -19.47 0.51 11.39
N ASP A 28 -18.24 1.03 11.47
CA ASP A 28 -17.93 2.40 11.04
C ASP A 28 -17.31 2.55 9.66
N PHE A 29 -16.86 1.45 9.03
CA PHE A 29 -16.16 1.51 7.76
C PHE A 29 -16.86 0.61 6.80
N ASP A 30 -17.53 1.19 5.83
CA ASP A 30 -18.33 0.40 4.93
C ASP A 30 -17.41 -0.29 3.96
N THR A 31 -17.64 -1.56 3.74
CA THR A 31 -16.85 -2.31 2.76
C THR A 31 -17.37 -2.08 1.37
N ASP A 32 -18.50 -1.41 1.24
CA ASP A 32 -18.97 -0.93 -0.04
C ASP A 32 -19.78 0.33 0.27
N TYR A 33 -19.63 1.33 -0.58
CA TYR A 33 -20.28 2.59 -0.34
C TYR A 33 -21.47 2.78 -1.33
N MET A 37 -22.83 8.00 -5.84
CA MET A 37 -21.95 9.16 -5.71
C MET A 37 -21.38 9.53 -7.09
N LEU A 38 -21.09 8.48 -7.85
CA LEU A 38 -20.73 8.56 -9.25
C LEU A 38 -21.05 7.19 -9.83
N THR A 39 -21.17 7.11 -11.14
CA THR A 39 -21.41 5.81 -11.75
C THR A 39 -20.11 5.05 -12.00
N LYS A 40 -20.24 3.76 -12.29
CA LYS A 40 -19.08 2.94 -12.61
C LYS A 40 -18.39 3.42 -13.88
N GLU A 41 -19.17 3.77 -14.91
CA GLU A 41 -18.62 4.35 -16.11
C GLU A 41 -17.83 5.61 -15.80
N GLU A 42 -18.33 6.46 -14.89
CA GLU A 42 -17.63 7.68 -14.54
C GLU A 42 -16.38 7.38 -13.74
N GLY A 43 -16.48 6.41 -12.82
CA GLY A 43 -15.31 5.98 -12.07
C GLY A 43 -14.21 5.45 -12.95
N GLU A 44 -14.55 4.66 -13.97
CA GLU A 44 -13.54 4.12 -14.84
C GLU A 44 -12.76 5.23 -15.55
N GLU A 45 -13.47 6.24 -16.06
CA GLU A 45 -12.80 7.35 -16.73
C GLU A 45 -12.01 8.18 -15.75
N LEU A 46 -12.54 8.39 -14.56
CA LEU A 46 -11.78 9.12 -13.57
C LEU A 46 -10.55 8.34 -13.12
N LEU A 47 -10.67 7.01 -13.07
CA LEU A 47 -9.49 6.21 -12.73
C LEU A 47 -8.42 6.36 -13.79
N ASN A 48 -8.79 6.40 -15.07
N ASN A 48 -8.81 6.38 -15.06
CA ASN A 48 -7.80 6.53 -16.12
CA ASN A 48 -7.87 6.59 -16.15
C ASN A 48 -7.09 7.90 -16.03
C ASN A 48 -7.09 7.88 -15.96
N LEU A 49 -7.78 8.97 -15.62
CA LEU A 49 -7.08 10.24 -15.37
C LEU A 49 -6.13 10.12 -14.19
N GLY A 50 -6.56 9.44 -13.13
CA GLY A 50 -5.73 9.31 -11.93
C GLY A 50 -4.44 8.56 -12.22
N ILE A 51 -4.53 7.51 -13.04
CA ILE A 51 -3.35 6.73 -13.42
C ILE A 51 -2.42 7.58 -14.26
N SER A 52 -2.97 8.33 -15.24
CA SER A 52 -2.13 9.26 -16.01
C SER A 52 -1.49 10.35 -15.15
N LYS A 53 -2.21 10.88 -14.16
CA LYS A 53 -1.57 11.88 -13.31
C LYS A 53 -0.48 11.25 -12.47
N LEU A 54 -0.72 10.02 -11.99
CA LEU A 54 0.25 9.37 -11.13
C LEU A 54 1.50 9.12 -11.93
N SER A 55 1.35 8.79 -13.18
CA SER A 55 2.54 8.58 -14.02
C SER A 55 3.31 9.90 -14.24
N GLU A 56 2.62 11.01 -14.44
CA GLU A 56 3.32 12.30 -14.51
C GLU A 56 4.01 12.64 -13.19
N ILE A 57 3.35 12.38 -12.08
CA ILE A 57 4.02 12.57 -10.78
C ILE A 57 5.25 11.69 -10.68
N GLN A 58 5.14 10.40 -11.02
CA GLN A 58 6.30 9.51 -10.95
C GLN A 58 7.46 10.08 -11.75
N GLU A 59 7.17 10.55 -12.95
CA GLU A 59 8.23 11.08 -13.80
C GLU A 59 8.93 12.30 -13.17
N LYS A 60 8.16 13.17 -12.54
CA LYS A 60 8.73 14.34 -11.88
C LYS A 60 9.51 13.93 -10.65
N LEU A 61 8.98 12.97 -9.90
CA LEU A 61 9.68 12.47 -8.74
C LEU A 61 11.05 11.91 -9.12
N TYR A 62 11.00 11.06 -10.09
CA TYR A 62 12.22 10.41 -10.59
C TYR A 62 13.22 11.50 -11.14
N ALA A 63 12.75 12.45 -11.96
CA ALA A 63 13.66 13.48 -12.59
C ALA A 63 14.37 14.39 -11.55
N SER A 64 13.63 14.86 -10.54
CA SER A 64 14.22 15.76 -9.49
C SER A 64 13.57 15.76 -8.11
N GLY A 65 12.94 14.68 -7.73
CA GLY A 65 12.34 14.57 -6.43
C GLY A 65 13.45 14.50 -5.35
N THR A 66 13.24 15.06 -4.14
CA THR A 66 14.20 14.96 -3.03
C THR A 66 13.57 13.92 -2.11
N LYS A 67 12.58 13.22 -2.64
CA LYS A 67 11.79 12.30 -1.83
C LYS A 67 11.78 10.91 -2.47
N SER A 68 11.48 9.91 -1.65
CA SER A 68 11.06 8.58 -2.07
C SER A 68 9.65 8.37 -1.55
N VAL A 69 8.97 7.38 -2.10
CA VAL A 69 7.60 7.08 -1.77
C VAL A 69 7.49 5.61 -1.45
N LEU A 70 6.90 5.28 -0.29
CA LEU A 70 6.66 3.91 0.17
C LEU A 70 5.16 3.73 0.32
N ILE A 71 4.59 2.87 -0.49
CA ILE A 71 3.18 2.54 -0.44
C ILE A 71 2.99 1.10 0.04
N VAL A 72 2.18 0.95 1.06
CA VAL A 72 1.90 -0.34 1.70
C VAL A 72 0.47 -0.77 1.39
N PHE A 73 0.29 -2.04 1.00
CA PHE A 73 -1.00 -2.71 0.91
C PHE A 73 -1.11 -3.92 1.85
N GLN A 74 -2.23 -3.99 2.58
CA GLN A 74 -2.62 -5.12 3.41
C GLN A 74 -4.10 -5.35 3.20
N ALA A 75 -4.52 -6.62 3.24
CA ALA A 75 -5.91 -7.00 3.06
C ALA A 75 -6.11 -8.46 3.44
N MET A 76 -7.36 -8.80 3.71
CA MET A 76 -7.76 -10.20 3.80
C MET A 76 -7.69 -10.83 2.39
N ASP A 77 -7.71 -12.17 2.32
CA ASP A 77 -7.73 -12.86 1.01
C ASP A 77 -8.95 -12.49 0.20
N ALA A 78 -8.76 -12.42 -1.10
CA ALA A 78 -9.82 -12.14 -2.06
C ALA A 78 -10.39 -10.72 -1.91
N ALA A 79 -9.61 -9.79 -1.34
CA ALA A 79 -10.06 -8.40 -1.29
C ALA A 79 -9.76 -7.63 -2.58
N GLY A 80 -8.92 -8.17 -3.42
CA GLY A 80 -8.52 -7.52 -4.63
C GLY A 80 -7.17 -6.81 -4.57
N LYS A 81 -6.34 -7.10 -3.57
CA LYS A 81 -5.01 -6.50 -3.45
C LYS A 81 -4.19 -6.67 -4.71
N ASP A 82 -3.99 -7.90 -5.12
CA ASP A 82 -3.11 -8.16 -6.29
C ASP A 82 -3.60 -7.34 -7.54
N GLY A 83 -4.88 -7.40 -7.83
CA GLY A 83 -5.36 -6.65 -8.97
C GLY A 83 -5.18 -5.14 -8.84
N THR A 84 -5.33 -4.59 -7.63
CA THR A 84 -5.09 -3.19 -7.42
C THR A 84 -3.63 -2.85 -7.67
N VAL A 85 -2.71 -3.64 -7.10
CA VAL A 85 -1.30 -3.38 -7.34
C VAL A 85 -0.99 -3.39 -8.82
N LYS A 86 -1.53 -4.38 -9.53
CA LYS A 86 -1.24 -4.50 -10.96
C LYS A 86 -1.74 -3.28 -11.72
N HIS A 87 -2.97 -2.89 -11.43
CA HIS A 87 -3.55 -1.77 -12.16
C HIS A 87 -2.74 -0.51 -11.96
N ILE A 88 -2.26 -0.26 -10.74
CA ILE A 88 -1.39 0.89 -10.51
C ILE A 88 -0.11 0.81 -11.34
N MET A 89 0.55 -0.34 -11.35
CA MET A 89 1.83 -0.49 -12.05
C MET A 89 1.72 -0.22 -13.54
N THR A 90 0.65 -0.71 -14.17
CA THR A 90 0.50 -0.62 -15.62
C THR A 90 0.64 0.79 -16.09
N GLY A 91 0.22 1.73 -15.29
CA GLY A 91 0.44 3.11 -15.64
C GLY A 91 1.82 3.67 -15.42
N LEU A 92 2.71 2.99 -14.72
CA LEU A 92 3.93 3.63 -14.28
C LEU A 92 5.15 3.04 -14.97
N ASN A 93 6.19 3.86 -15.07
CA ASN A 93 7.48 3.45 -15.60
C ASN A 93 8.21 2.44 -14.70
N PRO A 94 8.63 1.31 -15.24
CA PRO A 94 9.38 0.34 -14.42
C PRO A 94 10.67 0.86 -13.86
N GLN A 95 11.33 1.84 -14.50
CA GLN A 95 12.62 2.28 -13.96
C GLN A 95 12.51 3.02 -12.61
N GLY A 96 11.40 3.64 -12.29
CA GLY A 96 11.31 4.33 -11.00
C GLY A 96 10.38 3.71 -9.99
N VAL A 97 9.83 2.58 -10.33
CA VAL A 97 8.90 1.94 -9.46
C VAL A 97 9.28 0.46 -9.21
N LYS A 98 9.39 -0.01 -7.95
CA LYS A 98 9.74 -1.41 -7.60
C LYS A 98 8.60 -2.00 -6.71
N VAL A 99 7.97 -3.14 -7.05
CA VAL A 99 6.92 -3.82 -6.26
C VAL A 99 7.66 -4.99 -5.55
N THR A 100 7.66 -5.09 -4.21
CA THR A 100 8.25 -6.21 -3.43
C THR A 100 7.01 -6.95 -2.79
N SER A 101 6.73 -8.24 -3.09
CA SER A 101 5.61 -9.03 -2.54
C SER A 101 6.23 -9.82 -1.44
N PHE A 102 5.85 -9.51 -0.22
CA PHE A 102 6.49 -10.20 0.92
C PHE A 102 5.72 -11.47 1.26
N LYS A 103 6.47 -12.58 1.33
CA LYS A 103 5.89 -13.91 1.60
C LYS A 103 6.37 -14.44 2.92
N VAL A 104 6.22 -15.77 3.11
CA VAL A 104 6.69 -16.31 4.39
C VAL A 104 8.19 -16.08 4.48
N PRO A 105 8.73 -15.66 5.62
CA PRO A 105 10.17 -15.38 5.68
C PRO A 105 11.02 -16.61 5.40
N SER A 106 12.11 -16.34 4.72
CA SER A 106 13.12 -17.39 4.46
C SER A 106 13.93 -17.67 5.71
N LYS A 107 14.72 -18.72 5.65
CA LYS A 107 15.56 -19.04 6.79
C LYS A 107 16.48 -17.88 7.18
N ILE A 108 17.11 -17.23 6.17
CA ILE A 108 17.95 -16.07 6.45
C ILE A 108 17.16 -14.93 7.04
N GLU A 109 15.96 -14.66 6.51
CA GLU A 109 15.16 -13.55 7.04
C GLU A 109 14.75 -13.81 8.50
N LEU A 110 14.56 -15.07 8.86
CA LEU A 110 14.14 -15.41 10.22
C LEU A 110 15.30 -15.33 11.19
N SER A 111 16.53 -15.19 10.69
CA SER A 111 17.70 -14.99 11.54
C SER A 111 17.95 -13.50 11.80
N HIS A 112 17.07 -12.63 11.30
CA HIS A 112 17.16 -11.18 11.48
C HIS A 112 15.88 -10.67 12.14
N ASP A 113 15.92 -9.46 12.67
CA ASP A 113 14.73 -8.83 13.22
C ASP A 113 13.69 -8.68 12.13
N TYR A 114 12.42 -8.66 12.52
CA TYR A 114 11.34 -8.67 11.54
C TYR A 114 11.32 -7.44 10.62
N LEU A 115 11.98 -6.33 10.97
CA LEU A 115 12.03 -5.19 10.04
C LEU A 115 13.12 -5.29 8.99
N TRP A 116 14.15 -6.13 9.19
CA TRP A 116 15.33 -6.13 8.38
C TRP A 116 15.00 -6.27 6.89
N ARG A 117 14.15 -7.26 6.56
CA ARG A 117 13.92 -7.49 5.13
C ARG A 117 13.16 -6.33 4.51
N HIS A 118 12.41 -5.60 5.30
CA HIS A 118 11.72 -4.42 4.81
C HIS A 118 12.67 -3.24 4.65
N TYR A 119 13.54 -3.00 5.65
CA TYR A 119 14.57 -1.95 5.55
C TYR A 119 15.45 -2.15 4.32
N VAL A 120 15.83 -3.41 4.04
CA VAL A 120 16.61 -3.79 2.89
C VAL A 120 15.95 -3.33 1.59
N ALA A 121 14.64 -3.46 1.48
CA ALA A 121 13.86 -3.20 0.28
C ALA A 121 13.35 -1.75 0.15
N LEU A 122 13.73 -0.83 1.05
CA LEU A 122 13.19 0.52 0.98
C LEU A 122 13.55 1.21 -0.37
N PRO A 123 12.68 2.07 -0.84
CA PRO A 123 12.97 2.88 -2.03
C PRO A 123 14.04 3.93 -1.84
N ALA A 124 14.77 4.10 -2.92
CA ALA A 124 15.81 5.11 -2.97
C ALA A 124 15.17 6.47 -3.35
N THR A 125 15.91 7.55 -3.20
CA THR A 125 15.48 8.88 -3.57
C THR A 125 14.98 8.92 -5.02
N GLY A 126 13.86 9.57 -5.27
CA GLY A 126 13.22 9.58 -6.56
C GLY A 126 12.44 8.31 -7.02
N GLU A 127 12.36 7.24 -6.19
CA GLU A 127 11.65 5.95 -6.50
C GLU A 127 10.37 5.78 -5.68
N ILE A 128 9.45 5.01 -6.22
CA ILE A 128 8.22 4.63 -5.53
C ILE A 128 8.41 3.12 -5.20
N GLY A 129 8.38 2.66 -3.96
CA GLY A 129 8.44 1.27 -3.55
C GLY A 129 7.05 0.87 -3.12
N ILE A 130 6.54 -0.18 -3.73
CA ILE A 130 5.27 -0.76 -3.34
C ILE A 130 5.53 -2.05 -2.53
N PHE A 131 5.04 -2.06 -1.30
CA PHE A 131 5.09 -3.21 -0.42
C PHE A 131 3.74 -3.95 -0.52
N ASN A 132 3.70 -4.96 -1.36
CA ASN A 132 2.53 -5.81 -1.50
C ASN A 132 2.57 -6.85 -0.36
N ARG A 133 1.85 -6.55 0.72
CA ARG A 133 2.17 -7.04 2.07
C ARG A 133 3.47 -6.40 2.56
N SER A 134 3.69 -6.39 3.87
CA SER A 134 4.64 -5.44 4.43
C SER A 134 5.11 -5.92 5.79
N HIS A 135 5.78 -5.02 6.47
CA HIS A 135 6.16 -5.24 7.83
C HIS A 135 4.97 -5.45 8.72
N TYR A 136 3.78 -4.99 8.32
CA TYR A 136 2.64 -5.17 9.19
C TYR A 136 2.20 -6.61 9.31
N GLU A 137 2.70 -7.49 8.43
CA GLU A 137 2.39 -8.89 8.59
C GLU A 137 2.74 -9.35 9.99
N ASN A 138 3.75 -8.73 10.60
CA ASN A 138 4.28 -9.12 11.90
C ASN A 138 3.40 -8.66 13.05
N VAL A 139 2.36 -7.94 12.78
CA VAL A 139 1.31 -7.77 13.74
C VAL A 139 -0.10 -8.26 13.26
N LEU A 140 -0.20 -9.11 12.21
CA LEU A 140 -1.46 -9.62 11.61
C LEU A 140 -1.45 -11.23 11.61
N VAL A 141 -0.82 -11.85 10.60
CA VAL A 141 -0.82 -13.33 10.48
C VAL A 141 -0.08 -13.91 11.74
N THR A 142 1.09 -13.37 12.13
CA THR A 142 1.82 -13.84 13.34
C THR A 142 1.01 -13.56 14.71
N ARG A 143 0.06 -12.64 14.68
CA ARG A 143 -0.78 -12.35 15.85
C ARG A 143 -1.93 -13.38 15.90
N VAL A 144 -2.56 -13.64 14.77
CA VAL A 144 -3.54 -14.70 14.64
C VAL A 144 -2.93 -16.08 14.85
N HIS A 145 -1.67 -16.27 14.45
CA HIS A 145 -0.99 -17.56 14.54
C HIS A 145 0.31 -17.38 15.30
N PRO A 146 0.24 -17.15 16.60
CA PRO A 146 1.47 -16.82 17.33
C PRO A 146 2.51 -17.91 17.31
N GLU A 147 2.17 -19.12 16.89
CA GLU A 147 3.19 -20.14 16.78
C GLU A 147 4.25 -19.81 15.71
N TYR A 148 3.94 -18.95 14.73
CA TYR A 148 4.96 -18.49 13.80
C TYR A 148 6.07 -17.73 14.53
N LEU A 149 5.76 -17.13 15.69
CA LEU A 149 6.75 -16.40 16.45
C LEU A 149 7.82 -17.34 16.94
N LEU A 150 7.52 -18.66 17.00
CA LEU A 150 8.52 -19.61 17.53
C LEU A 150 9.62 -19.89 16.54
N SER A 151 9.38 -19.72 15.24
CA SER A 151 10.42 -19.84 14.20
C SER A 151 11.26 -18.58 14.00
N GLU A 152 10.82 -17.47 14.56
CA GLU A 152 11.53 -16.23 14.52
C GLU A 152 12.59 -16.30 15.60
N GLN A 153 13.83 -16.50 15.20
CA GLN A 153 14.92 -16.60 16.18
C GLN A 153 15.10 -15.32 17.02
N THR A 154 14.69 -14.15 16.50
CA THR A 154 14.93 -12.88 17.14
C THR A 154 13.74 -12.38 17.98
N SER A 155 12.60 -13.09 17.97
CA SER A 155 11.36 -12.58 18.52
C SER A 155 11.37 -12.62 20.04
N GLY A 156 12.23 -13.41 20.64
CA GLY A 156 12.18 -13.60 22.08
C GLY A 156 11.01 -14.45 22.60
N VAL A 157 10.32 -15.21 21.74
CA VAL A 157 9.09 -15.96 22.09
C VAL A 157 9.38 -17.45 21.93
N THR A 158 9.45 -18.17 23.07
CA THR A 158 9.62 -19.62 23.07
C THR A 158 8.34 -20.42 23.35
N ALA A 159 7.27 -19.80 23.82
CA ALA A 159 5.99 -20.49 23.95
C ALA A 159 4.90 -19.46 23.73
N ILE A 160 3.84 -19.82 23.00
CA ILE A 160 2.83 -18.80 22.65
C ILE A 160 2.15 -18.25 23.88
N GLU A 161 2.26 -18.93 25.01
CA GLU A 161 1.67 -18.37 26.23
C GLU A 161 2.28 -17.01 26.58
N GLN A 162 3.52 -16.75 26.16
CA GLN A 162 4.23 -15.51 26.52
C GLN A 162 3.69 -14.25 25.83
N VAL A 163 2.94 -14.39 24.76
CA VAL A 163 2.45 -13.26 23.97
C VAL A 163 1.26 -12.63 24.65
N ASN A 164 1.23 -11.31 24.73
CA ASN A 164 0.15 -10.59 25.39
C ASN A 164 0.09 -9.20 24.76
N GLN A 165 -0.75 -8.33 25.30
CA GLN A 165 -0.92 -7.05 24.65
C GLN A 165 0.35 -6.20 24.71
N LYS A 166 1.17 -6.38 25.74
CA LYS A 166 2.40 -5.61 25.84
C LYS A 166 3.31 -5.91 24.65
N PHE A 167 3.36 -7.19 24.22
CA PHE A 167 4.13 -7.59 23.05
C PHE A 167 3.67 -6.84 21.81
N TRP A 168 2.36 -6.79 21.54
CA TRP A 168 1.90 -6.07 20.34
C TRP A 168 2.16 -4.56 20.47
N ASP A 169 1.94 -4.01 21.66
CA ASP A 169 2.20 -2.60 21.90
C ASP A 169 3.64 -2.25 21.61
N LYS A 170 4.52 -3.06 22.14
CA LYS A 170 5.96 -2.84 21.91
C LYS A 170 6.21 -2.78 20.35
N ARG A 171 5.62 -3.72 19.61
CA ARG A 171 5.80 -3.79 18.16
C ARG A 171 5.25 -2.59 17.44
N PHE A 172 4.06 -2.15 17.81
CA PHE A 172 3.47 -0.91 17.25
C PHE A 172 4.55 0.24 17.50
N GLN A 173 5.09 0.37 18.72
CA GLN A 173 6.14 1.39 18.99
C GLN A 173 7.38 1.22 18.00
N GLN A 174 7.82 0.00 17.74
CA GLN A 174 8.96 -0.21 16.85
C GLN A 174 8.62 0.19 15.43
N ILE A 175 7.44 -0.19 14.98
CA ILE A 175 7.00 0.15 13.64
C ILE A 175 6.88 1.65 13.49
N ASN A 176 6.24 2.31 14.47
CA ASN A 176 6.10 3.75 14.41
C ASN A 176 7.45 4.44 14.41
N ASN A 177 8.42 3.93 15.18
CA ASN A 177 9.73 4.57 15.23
C ASN A 177 10.44 4.41 13.89
N PHE A 178 10.19 3.26 13.24
CA PHE A 178 10.78 3.01 11.93
C PHE A 178 10.20 3.95 10.90
N GLU A 179 8.88 4.08 10.86
CA GLU A 179 8.26 4.94 9.88
C GLU A 179 8.54 6.40 10.13
N GLN A 180 8.67 6.80 11.38
CA GLN A 180 9.09 8.15 11.69
C GLN A 180 10.49 8.47 11.21
N HIS A 181 11.42 7.55 11.45
CA HIS A 181 12.77 7.72 10.93
C HIS A 181 12.81 7.90 9.39
N ILE A 182 12.20 6.96 8.65
CA ILE A 182 12.30 7.08 7.22
C ILE A 182 11.55 8.31 6.72
N SER A 183 10.47 8.65 7.41
CA SER A 183 9.70 9.87 7.07
C SER A 183 10.56 11.16 7.30
N GLU A 184 11.28 11.23 8.43
CA GLU A 184 12.30 12.32 8.66
C GLU A 184 13.55 12.29 7.69
N ASN A 185 13.77 11.20 6.91
CA ASN A 185 14.84 11.02 5.90
C ASN A 185 14.27 10.88 4.46
N GLY A 186 13.33 11.73 4.09
CA GLY A 186 12.82 11.87 2.74
C GLY A 186 11.79 10.86 2.13
N THR A 187 11.26 9.89 2.90
CA THR A 187 10.33 8.84 2.42
C THR A 187 8.85 9.29 2.71
N ILE A 188 7.96 9.43 1.74
CA ILE A 188 6.55 9.81 1.98
C ILE A 188 5.92 8.43 2.17
N VAL A 189 5.37 8.07 3.33
CA VAL A 189 4.79 6.80 3.55
C VAL A 189 3.21 6.81 3.52
N LEU A 190 2.55 5.99 2.67
CA LEU A 190 1.08 5.83 2.54
C LEU A 190 0.71 4.37 2.75
N LYS A 191 -0.22 4.10 3.62
CA LYS A 191 -0.61 2.73 3.92
C LYS A 191 -2.08 2.52 3.64
N PHE A 192 -2.39 1.46 2.89
CA PHE A 192 -3.76 1.14 2.49
C PHE A 192 -4.22 -0.21 3.03
N PHE A 193 -5.35 -0.19 3.74
CA PHE A 193 -6.01 -1.44 4.14
C PHE A 193 -7.25 -1.62 3.28
N LEU A 194 -7.25 -2.62 2.41
CA LEU A 194 -8.38 -2.89 1.52
C LEU A 194 -9.39 -3.75 2.31
N HIS A 195 -10.60 -3.22 2.49
CA HIS A 195 -11.52 -3.75 3.50
C HIS A 195 -12.66 -4.46 2.77
N VAL A 196 -12.64 -5.78 2.73
CA VAL A 196 -13.65 -6.59 2.02
C VAL A 196 -14.59 -7.17 3.06
N SER A 197 -15.86 -7.25 2.74
CA SER A 197 -16.79 -7.85 3.68
C SER A 197 -16.66 -9.36 3.65
N LYS A 198 -17.07 -10.00 4.75
CA LYS A 198 -17.08 -11.45 4.80
C LYS A 198 -17.98 -12.01 3.71
N LYS A 199 -19.10 -11.35 3.44
CA LYS A 199 -20.03 -11.82 2.43
C LYS A 199 -19.43 -11.76 1.04
N GLU A 200 -18.79 -10.66 0.70
CA GLU A 200 -18.16 -10.53 -0.62
C GLU A 200 -16.97 -11.48 -0.76
N GLN A 201 -16.19 -11.65 0.29
CA GLN A 201 -15.11 -12.64 0.23
C GLN A 201 -15.66 -14.02 -0.13
N LYS A 202 -16.73 -14.46 0.53
CA LYS A 202 -17.32 -15.76 0.20
C LYS A 202 -17.74 -15.82 -1.25
N LYS A 203 -18.44 -14.79 -1.75
CA LYS A 203 -18.84 -14.77 -3.16
C LYS A 203 -17.65 -14.92 -4.10
N ARG A 204 -16.54 -14.22 -3.82
CA ARG A 204 -15.39 -14.33 -4.68
C ARG A 204 -14.76 -15.71 -4.56
N PHE A 205 -14.65 -16.25 -3.35
CA PHE A 205 -14.11 -17.61 -3.21
C PHE A 205 -14.92 -18.60 -4.05
N ILE A 206 -16.24 -18.53 -3.93
CA ILE A 206 -17.06 -19.51 -4.66
C ILE A 206 -16.89 -19.32 -6.15
N GLU A 207 -16.85 -18.08 -6.61
CA GLU A 207 -16.63 -17.83 -8.02
C GLU A 207 -15.31 -18.40 -8.48
N ARG A 208 -14.26 -18.26 -7.68
CA ARG A 208 -12.97 -18.82 -8.07
C ARG A 208 -13.01 -20.33 -8.07
N ILE A 209 -13.74 -20.94 -7.14
CA ILE A 209 -13.83 -22.40 -7.11
C ILE A 209 -14.54 -22.93 -8.34
N GLU A 210 -15.56 -22.23 -8.75
CA GLU A 210 -16.35 -22.70 -9.90
C GLU A 210 -15.82 -22.47 -11.37
N LEU A 211 -14.85 -21.58 -11.60
CA LEU A 211 -14.36 -21.22 -12.95
C LEU A 211 -13.06 -22.02 -13.23
N ASP A 212 -12.93 -22.81 -14.33
CA ASP A 212 -11.61 -23.46 -14.65
C ASP A 212 -10.49 -22.37 -14.96
N THR A 213 -10.83 -21.20 -15.52
CA THR A 213 -9.82 -20.07 -15.64
C THR A 213 -9.14 -19.53 -14.29
N LYS A 214 -9.69 -19.86 -13.10
CA LYS A 214 -9.16 -19.50 -11.74
C LYS A 214 -8.98 -20.71 -10.72
N ASN A 215 -9.79 -21.77 -10.79
CA ASN A 215 -9.75 -22.82 -9.71
C ASN A 215 -8.34 -23.51 -9.59
N TRP A 216 -7.58 -23.66 -10.67
CA TRP A 216 -6.20 -24.18 -10.53
C TRP A 216 -5.37 -23.29 -9.54
N LYS A 217 -5.78 -22.04 -9.35
CA LYS A 217 -5.06 -21.03 -8.53
C LYS A 217 -5.58 -20.96 -7.11
N PHE A 218 -6.70 -21.61 -6.81
CA PHE A 218 -7.35 -21.39 -5.54
C PHE A 218 -6.71 -22.26 -4.47
N SER A 219 -6.38 -21.66 -3.32
CA SER A 219 -5.81 -22.39 -2.21
C SER A 219 -6.88 -22.60 -1.16
N THR A 220 -7.24 -23.86 -0.88
CA THR A 220 -8.25 -24.10 0.15
C THR A 220 -7.77 -23.67 1.54
N GLY A 221 -6.45 -23.46 1.73
CA GLY A 221 -5.96 -22.83 2.96
C GLY A 221 -6.58 -21.46 3.25
N ASP A 222 -7.02 -20.74 2.23
CA ASP A 222 -7.63 -19.45 2.49
C ASP A 222 -8.86 -19.61 3.39
N LEU A 223 -9.50 -20.79 3.38
CA LEU A 223 -10.67 -20.93 4.25
C LEU A 223 -10.28 -20.92 5.71
N LYS A 224 -9.09 -21.41 6.00
CA LYS A 224 -8.64 -21.48 7.38
C LYS A 224 -8.44 -20.09 7.95
N GLU A 225 -7.96 -19.17 7.10
CA GLU A 225 -7.83 -17.79 7.53
C GLU A 225 -9.19 -17.12 7.64
N ARG A 226 -10.12 -17.47 6.74
CA ARG A 226 -11.48 -16.96 6.89
C ARG A 226 -12.11 -17.39 8.20
N ALA A 227 -11.77 -18.57 8.67
CA ALA A 227 -12.30 -19.06 9.93
C ALA A 227 -11.80 -18.28 11.12
N HIS A 228 -10.69 -17.54 10.96
CA HIS A 228 -10.12 -16.61 11.95
C HIS A 228 -10.51 -15.16 11.71
N TRP A 229 -11.64 -14.93 11.03
CA TRP A 229 -12.04 -13.58 10.66
C TRP A 229 -12.03 -12.64 11.86
N LYS A 230 -12.64 -13.07 12.96
CA LYS A 230 -12.76 -12.14 14.09
C LYS A 230 -11.39 -11.85 14.70
N ASP A 231 -10.51 -12.86 14.73
CA ASP A 231 -9.14 -12.66 15.20
C ASP A 231 -8.40 -11.66 14.29
N TYR A 232 -8.54 -11.80 12.98
CA TYR A 232 -7.94 -10.82 12.09
C TYR A 232 -8.53 -9.44 12.30
N ARG A 233 -9.83 -9.35 12.48
CA ARG A 233 -10.44 -8.05 12.64
C ARG A 233 -9.87 -7.40 13.85
N ASN A 234 -9.73 -8.10 14.96
N ASN A 234 -9.76 -8.12 14.96
CA ASN A 234 -9.20 -7.49 16.17
CA ASN A 234 -9.17 -7.55 16.18
C ASN A 234 -7.76 -7.02 15.91
C ASN A 234 -7.78 -7.01 15.87
N ALA A 235 -7.01 -7.75 15.08
CA ALA A 235 -5.63 -7.37 14.83
C ALA A 235 -5.58 -6.15 13.96
N TYR A 236 -6.34 -6.12 12.86
CA TYR A 236 -6.43 -4.91 12.05
C TYR A 236 -6.85 -3.69 12.88
N GLU A 237 -7.89 -3.84 13.73
CA GLU A 237 -8.37 -2.70 14.50
C GLU A 237 -7.30 -2.19 15.44
N ASP A 238 -6.61 -3.09 16.09
CA ASP A 238 -5.57 -2.62 16.99
C ASP A 238 -4.43 -1.95 16.22
N MET A 239 -4.12 -2.50 15.06
CA MET A 239 -3.02 -1.98 14.22
C MET A 239 -3.37 -0.56 13.76
N LEU A 240 -4.57 -0.41 13.21
CA LEU A 240 -4.99 0.87 12.70
C LEU A 240 -5.06 1.93 13.81
N ALA A 241 -5.52 1.54 14.99
CA ALA A 241 -5.68 2.46 16.11
C ALA A 241 -4.36 2.91 16.68
N ASN A 242 -3.25 2.22 16.32
CA ASN A 242 -1.99 2.53 16.95
C ASN A 242 -0.82 2.85 16.01
N THR A 243 -0.99 2.72 14.71
CA THR A 243 0.12 2.97 13.79
C THR A 243 -0.31 3.88 12.65
N SER A 244 -1.49 4.55 12.74
CA SER A 244 -1.78 5.67 11.84
C SER A 244 -1.36 6.99 12.49
N THR A 245 -0.43 7.68 11.85
CA THR A 245 -0.01 9.02 12.25
C THR A 245 -0.27 9.99 11.13
N LYS A 246 -0.19 11.31 11.47
CA LYS A 246 -0.40 12.29 10.43
C LYS A 246 0.70 12.16 9.39
N GLN A 247 1.91 11.88 9.82
CA GLN A 247 3.00 11.71 8.89
C GLN A 247 2.98 10.42 8.04
N ALA A 248 2.53 9.35 8.67
CA ALA A 248 2.38 7.96 8.05
C ALA A 248 0.96 7.46 8.24
N PRO A 249 0.04 7.96 7.41
CA PRO A 249 -1.35 7.56 7.63
C PRO A 249 -1.76 6.21 7.05
N TRP A 250 -2.71 5.56 7.72
CA TRP A 250 -3.51 4.49 7.16
C TRP A 250 -4.78 5.05 6.51
N PHE A 251 -5.16 4.45 5.39
CA PHE A 251 -6.46 4.62 4.79
C PHE A 251 -7.19 3.30 4.69
N VAL A 252 -8.49 3.29 5.06
CA VAL A 252 -9.29 2.09 4.96
C VAL A 252 -10.15 2.25 3.71
N ILE A 253 -9.98 1.34 2.76
CA ILE A 253 -10.58 1.48 1.44
C ILE A 253 -11.67 0.41 1.30
N PRO A 254 -12.92 0.75 1.02
CA PRO A 254 -13.90 -0.30 0.73
C PRO A 254 -13.49 -1.15 -0.46
N ALA A 255 -13.53 -2.46 -0.29
CA ALA A 255 -13.01 -3.36 -1.31
C ALA A 255 -14.07 -4.16 -2.07
N ASP A 256 -15.37 -4.03 -1.76
CA ASP A 256 -16.36 -4.95 -2.38
C ASP A 256 -16.65 -4.59 -3.83
N ASP A 257 -16.42 -3.34 -4.23
CA ASP A 257 -16.48 -2.94 -5.65
C ASP A 257 -15.10 -2.54 -6.15
N LYS A 258 -14.53 -3.32 -7.06
CA LYS A 258 -13.11 -3.23 -7.32
C LYS A 258 -12.74 -1.94 -8.03
N TRP A 259 -13.59 -1.51 -8.98
CA TRP A 259 -13.32 -0.26 -9.72
C TRP A 259 -13.29 0.91 -8.78
N PHE A 260 -14.12 0.89 -7.74
CA PHE A 260 -14.17 1.98 -6.78
C PHE A 260 -12.97 1.92 -5.83
N THR A 261 -12.54 0.71 -5.47
CA THR A 261 -11.31 0.56 -4.70
C THR A 261 -10.16 1.24 -5.40
N ARG A 262 -10.01 0.93 -6.68
CA ARG A 262 -8.88 1.40 -7.41
C ARG A 262 -8.93 2.91 -7.59
N LEU A 263 -10.14 3.43 -7.86
CA LEU A 263 -10.33 4.86 -8.01
C LEU A 263 -9.88 5.57 -6.79
N LEU A 264 -10.33 5.09 -5.63
CA LEU A 264 -10.03 5.76 -4.37
C LEU A 264 -8.54 5.77 -4.12
N ILE A 265 -7.90 4.63 -4.38
CA ILE A 265 -6.48 4.56 -4.10
C ILE A 265 -5.70 5.49 -5.03
N ALA A 266 -6.03 5.48 -6.33
CA ALA A 266 -5.37 6.39 -7.25
C ALA A 266 -5.58 7.84 -6.85
N GLU A 267 -6.80 8.18 -6.43
CA GLU A 267 -7.07 9.56 -6.05
C GLU A 267 -6.29 9.96 -4.81
N ILE A 268 -6.23 9.09 -3.82
CA ILE A 268 -5.51 9.40 -2.59
C ILE A 268 -4.01 9.54 -2.85
N ILE A 269 -3.44 8.63 -3.64
CA ILE A 269 -2.01 8.74 -3.91
C ILE A 269 -1.71 10.05 -4.65
N CYS A 270 -2.48 10.39 -5.69
CA CYS A 270 -2.26 11.66 -6.39
C CYS A 270 -2.39 12.85 -5.43
N THR A 271 -3.45 12.86 -4.61
CA THR A 271 -3.70 14.02 -3.76
C THR A 271 -2.60 14.19 -2.73
N GLU A 272 -2.12 13.09 -2.16
CA GLU A 272 -1.03 13.17 -1.20
C GLU A 272 0.29 13.59 -1.87
N LEU A 273 0.62 13.03 -3.03
CA LEU A 273 1.89 13.38 -3.65
C LEU A 273 1.83 14.77 -4.29
N GLU A 274 0.63 15.28 -4.62
CA GLU A 274 0.55 16.67 -5.07
C GLU A 274 0.96 17.67 -4.00
N LYS A 275 0.93 17.28 -2.74
CA LYS A 275 1.45 18.13 -1.69
C LYS A 275 2.94 18.40 -1.79
N LEU A 276 3.68 17.56 -2.53
CA LEU A 276 5.10 17.79 -2.70
C LEU A 276 5.41 18.93 -3.68
N ASN A 277 4.42 19.39 -4.42
CA ASN A 277 4.62 20.46 -5.41
C ASN A 277 5.74 20.13 -6.37
N LEU A 278 5.70 18.92 -6.91
CA LEU A 278 6.74 18.54 -7.85
C LEU A 278 6.55 19.25 -9.19
N THR A 279 7.65 19.54 -9.85
CA THR A 279 7.62 20.12 -11.18
C THR A 279 8.72 19.50 -12.02
N PHE A 280 8.53 19.53 -13.33
CA PHE A 280 9.61 19.10 -14.24
C PHE A 280 10.79 20.08 -14.21
N PRO A 281 12.01 19.59 -14.44
CA PRO A 281 13.17 20.48 -14.49
C PRO A 281 12.94 21.54 -15.56
N THR A 282 13.45 22.72 -15.32
CA THR A 282 13.32 23.77 -16.34
C THR A 282 14.62 23.93 -17.11
N VAL A 283 14.53 24.51 -18.28
CA VAL A 283 15.70 24.73 -19.15
C VAL A 283 16.17 26.18 -18.98
N SER A 284 17.34 26.38 -18.38
CA SER A 284 17.97 27.70 -18.23
C SER A 284 18.33 28.29 -19.61
N LEU A 285 18.65 29.59 -19.65
CA LEU A 285 19.17 30.20 -20.88
C LEU A 285 20.41 29.47 -21.39
N GLU A 286 21.31 29.13 -20.49
CA GLU A 286 22.52 28.42 -20.88
C GLU A 286 22.20 27.08 -21.56
N GLN A 287 21.29 26.30 -20.98
CA GLN A 287 20.88 25.01 -21.57
C GLN A 287 20.12 25.22 -22.88
N LYS A 288 19.28 26.24 -22.94
CA LYS A 288 18.63 26.59 -24.21
C LYS A 288 19.66 26.88 -25.34
N ALA A 289 20.72 27.65 -25.05
CA ALA A 289 21.78 27.87 -26.03
C ALA A 289 22.43 26.55 -26.45
N GLU A 290 22.66 25.65 -25.49
CA GLU A 290 23.25 24.37 -25.87
C GLU A 290 22.33 23.56 -26.77
N LEU A 291 21.02 23.49 -26.44
CA LEU A 291 20.07 22.81 -27.32
C LEU A 291 20.11 23.39 -28.72
N GLU A 292 20.10 24.72 -28.81
CA GLU A 292 20.05 25.37 -30.11
C GLU A 292 21.32 25.14 -30.88
N LYS A 293 22.44 25.08 -30.19
CA LYS A 293 23.70 24.78 -30.85
C LYS A 293 23.71 23.34 -31.37
N ALA A 294 23.16 22.40 -30.57
CA ALA A 294 23.02 21.02 -31.05
C ALA A 294 22.13 20.95 -32.29
N LYS A 295 21.02 21.66 -32.29
CA LYS A 295 20.13 21.62 -33.46
C LYS A 295 20.83 22.18 -34.69
N ALA A 296 21.55 23.28 -34.51
CA ALA A 296 22.33 23.87 -35.60
C ALA A 296 23.32 22.87 -36.17
N GLU A 297 24.04 22.15 -35.31
CA GLU A 297 24.96 21.10 -35.77
C GLU A 297 24.24 20.02 -36.56
N LEU A 298 23.13 19.51 -36.05
CA LEU A 298 22.41 18.49 -36.81
C LEU A 298 22.00 19.04 -38.18
N VAL A 299 21.51 20.28 -38.20
CA VAL A 299 21.02 20.89 -39.45
C VAL A 299 22.18 21.08 -40.43
N ALA A 300 23.37 21.38 -39.93
CA ALA A 300 24.49 21.67 -40.81
C ALA A 300 25.10 20.41 -41.39
N GLU A 301 24.59 19.25 -41.02
CA GLU A 301 25.26 18.00 -41.35
C GLU A 301 25.32 17.81 -42.86
N LYS A 302 26.47 17.32 -43.33
CA LYS A 302 26.75 17.09 -44.74
C LYS A 302 25.73 16.13 -45.36
PB ADP B . -0.65 -12.91 -1.82
O1B ADP B . -1.75 -13.52 -1.02
O2B ADP B . -0.92 -12.72 -3.28
O3B ADP B . -0.10 -11.60 -1.20
PA ADP B . 0.72 -15.46 -1.27
O1A ADP B . -0.47 -16.28 -1.78
O2A ADP B . 2.08 -15.79 -1.78
O3A ADP B . 0.61 -13.90 -1.64
O5' ADP B . 0.82 -15.56 0.33
C5' ADP B . 1.88 -14.88 1.06
C4' ADP B . 1.84 -15.42 2.49
O4' ADP B . 2.99 -14.99 3.22
C3' ADP B . 0.65 -14.92 3.24
O3' ADP B . 0.00 -16.09 3.80
C2' ADP B . 1.29 -14.02 4.30
O2' ADP B . 0.48 -13.96 5.46
C1' ADP B . 2.67 -14.68 4.55
N9 ADP B . 3.57 -13.72 5.18
C8 ADP B . 3.99 -12.55 4.71
N7 ADP B . 4.74 -11.96 5.63
C5 ADP B . 4.84 -12.80 6.66
C6 ADP B . 5.48 -12.80 7.95
N6 ADP B . 6.19 -11.70 8.30
N1 ADP B . 5.34 -13.89 8.74
C2 ADP B . 4.64 -14.95 8.40
N3 ADP B . 3.95 -15.04 7.23
C4 ADP B . 4.07 -13.96 6.38
H5'1 ADP B . 2.85 -15.09 0.61
H5'2 ADP B . 1.72 -13.80 1.05
H4' ADP B . 1.81 -16.51 2.44
H3' ADP B . -0.02 -14.35 2.59
HO3' ADP B . -0.78 -15.82 4.31
H2' ADP B . 1.44 -13.01 3.88
HO2' ADP B . -0.39 -13.58 5.23
H1' ADP B . 2.56 -15.59 5.15
H8 ADP B . 3.69 -12.10 3.77
HN61 ADP B . 6.70 -11.68 9.18
HN62 ADP B . 6.29 -10.94 7.65
H2 ADP B . 4.55 -15.76 9.11
C1 GOL C . -17.61 -6.95 7.78
O1 GOL C . -18.07 -7.92 6.85
C2 GOL C . -16.78 -7.76 8.79
O2 GOL C . -17.71 -8.32 9.71
C3 GOL C . -15.72 -6.95 9.51
O3 GOL C . -14.99 -6.15 8.63
H11 GOL C . -18.45 -6.46 8.27
H12 GOL C . -16.99 -6.20 7.28
HO1 GOL C . -18.66 -7.50 6.21
H2 GOL C . -16.29 -8.56 8.24
HO2 GOL C . -17.24 -8.91 10.33
H31 GOL C . -15.05 -7.63 10.03
H32 GOL C . -16.19 -6.32 10.26
HO3 GOL C . -14.51 -6.71 7.98
#